data_1QP1
#
_entry.id   1QP1
#
_cell.length_a   143.990
_cell.length_b   82.560
_cell.length_c   77.560
_cell.angle_alpha   90.00
_cell.angle_beta   90.00
_cell.angle_gamma   90.00
#
_symmetry.space_group_name_H-M   'C 2 2 21'
#
loop_
_entity.id
_entity.type
_entity.pdbx_description
1 polymer 'BENCE-JONES KAPPA I ANTIBODY BRE (LIGHT CHAIN)'
2 water water
#
_entity_poly.entity_id   1
_entity_poly.type   'polypeptide(L)'
_entity_poly.pdbx_seq_one_letter_code
;DIQMTQSPSSLSASVGDRVTITCQASQDISDYLIWYQQKLGKAPNLLIYDASTLETGVPSRFSGSGSGTEYTFTISSLQP
EDIATYYCQQYDDLPYTFGQGTKVEIK
;
_entity_poly.pdbx_strand_id   A,B,C
#
# COMPACT_ATOMS: atom_id res chain seq x y z
N ASP A 1 -2.46 4.14 36.78
CA ASP A 1 -2.27 5.01 35.62
C ASP A 1 -2.68 4.29 34.34
N ILE A 2 -3.43 4.97 33.49
CA ILE A 2 -3.88 4.35 32.24
C ILE A 2 -2.92 4.57 31.10
N GLN A 3 -2.44 3.50 30.46
CA GLN A 3 -1.50 3.69 29.36
C GLN A 3 -2.22 3.85 28.03
N MET A 4 -1.71 4.75 27.20
CA MET A 4 -2.33 4.99 25.90
C MET A 4 -1.38 4.58 24.80
N THR A 5 -1.84 3.72 23.88
CA THR A 5 -0.88 3.36 22.80
C THR A 5 -1.39 3.95 21.49
N GLN A 6 -0.58 4.83 20.90
CA GLN A 6 -1.02 5.52 19.69
C GLN A 6 -0.17 5.08 18.50
N SER A 7 -0.82 4.85 17.38
CA SER A 7 -0.16 4.41 16.14
C SER A 7 -0.77 5.16 14.95
N PRO A 8 0.04 5.51 13.98
CA PRO A 8 1.48 5.35 14.04
C PRO A 8 2.18 6.56 14.69
N SER A 9 3.51 6.59 14.64
CA SER A 9 4.31 7.67 15.23
C SER A 9 4.39 8.85 14.25
N SER A 10 4.50 8.51 12.96
CA SER A 10 4.52 9.56 11.94
C SER A 10 4.02 8.93 10.61
N LEU A 11 3.49 9.76 9.74
CA LEU A 11 3.08 9.39 8.44
C LEU A 11 3.16 10.53 7.42
N SER A 12 3.21 10.13 6.16
CA SER A 12 3.21 11.00 5.02
C SER A 12 2.18 10.56 3.99
N ALA A 13 1.35 11.48 3.55
CA ALA A 13 0.29 11.24 2.59
C ALA A 13 0.15 12.45 1.66
N SER A 14 -0.72 12.36 0.65
CA SER A 14 -0.83 13.51 -0.26
C SER A 14 -2.19 14.18 -0.04
N VAL A 15 -2.29 15.42 -0.42
CA VAL A 15 -3.52 16.22 -0.35
C VAL A 15 -4.70 15.39 -0.83
N GLY A 16 -5.80 15.37 -0.10
CA GLY A 16 -6.96 14.58 -0.50
C GLY A 16 -6.94 13.18 0.03
N ASP A 17 -5.82 12.69 0.57
CA ASP A 17 -5.79 11.33 1.09
C ASP A 17 -6.60 11.14 2.36
N ARG A 18 -7.01 9.88 2.62
CA ARG A 18 -7.70 9.60 3.87
C ARG A 18 -6.65 9.20 4.91
N VAL A 19 -6.81 9.69 6.13
CA VAL A 19 -5.74 9.29 7.10
C VAL A 19 -6.42 8.70 8.33
N THR A 20 -5.89 7.58 8.80
CA THR A 20 -6.40 6.85 9.95
C THR A 20 -5.44 6.82 11.12
N ILE A 21 -5.90 7.22 12.31
CA ILE A 21 -4.96 7.14 13.45
C ILE A 21 -5.59 6.31 14.56
N THR A 22 -4.79 5.47 15.24
CA THR A 22 -5.40 4.64 16.27
C THR A 22 -4.83 4.89 17.67
N CYS A 23 -5.72 4.74 18.65
CA CYS A 23 -5.38 4.82 20.04
C CYS A 23 -5.99 3.68 20.86
N GLN A 24 -5.12 2.97 21.59
CA GLN A 24 -5.55 1.85 22.40
C GLN A 24 -5.34 2.17 23.91
N ALA A 25 -6.40 2.02 24.68
CA ALA A 25 -6.45 2.23 26.10
C ALA A 25 -6.21 0.92 26.87
N SER A 26 -5.30 0.96 27.84
CA SER A 26 -4.95 -0.18 28.66
C SER A 26 -6.09 -0.55 29.61
N GLN A 27 -7.17 0.19 29.59
CA GLN A 27 -8.38 0.00 30.31
C GLN A 27 -9.58 0.57 29.50
N ASP A 28 -10.74 0.03 29.81
CA ASP A 28 -11.97 0.60 29.13
C ASP A 28 -12.08 2.03 29.70
N ILE A 29 -12.38 3.02 28.90
CA ILE A 29 -12.42 4.39 29.45
C ILE A 29 -13.71 5.08 29.03
N SER A 30 -14.74 4.29 28.79
CA SER A 30 -16.07 4.72 28.49
C SER A 30 -16.18 5.91 27.56
N ASP A 31 -15.54 5.86 26.40
CA ASP A 31 -15.59 6.94 25.45
C ASP A 31 -15.07 8.26 25.97
N TYR A 32 -14.46 8.32 27.16
CA TYR A 32 -13.91 9.59 27.64
C TYR A 32 -12.56 9.82 26.97
N LEU A 33 -12.58 10.09 25.68
CA LEU A 33 -11.32 10.29 24.96
C LEU A 33 -11.40 11.57 24.13
N ILE A 34 -10.30 12.32 24.13
CA ILE A 34 -10.29 13.55 23.34
C ILE A 34 -9.19 13.42 22.28
N TRP A 35 -9.42 14.05 21.12
CA TRP A 35 -8.37 14.12 20.12
C TRP A 35 -7.99 15.62 19.98
N TYR A 36 -6.71 15.87 20.06
CA TYR A 36 -6.18 17.23 19.99
C TYR A 36 -5.34 17.38 18.70
N GLN A 37 -5.27 18.60 18.22
CA GLN A 37 -4.33 18.88 17.13
C GLN A 37 -3.26 19.84 17.70
N GLN A 38 -2.00 19.62 17.39
CA GLN A 38 -0.94 20.51 17.85
C GLN A 38 -0.03 20.91 16.69
N LYS A 39 -0.22 22.13 16.18
CA LYS A 39 0.66 22.61 15.09
C LYS A 39 2.04 22.90 15.62
N LEU A 40 3.05 22.98 14.75
CA LEU A 40 4.40 23.22 15.24
C LEU A 40 4.52 24.45 16.11
N GLY A 41 4.98 24.30 17.36
CA GLY A 41 5.18 25.41 18.24
C GLY A 41 3.98 26.04 18.87
N LYS A 42 2.79 25.46 18.78
CA LYS A 42 1.64 26.12 19.45
C LYS A 42 1.07 25.16 20.46
N ALA A 43 0.02 25.54 21.20
CA ALA A 43 -0.49 24.54 22.16
C ALA A 43 -1.49 23.63 21.45
N PRO A 44 -1.78 22.48 22.05
CA PRO A 44 -2.75 21.56 21.48
C PRO A 44 -4.17 22.16 21.49
N ASN A 45 -4.88 21.92 20.44
CA ASN A 45 -6.25 22.35 20.24
C ASN A 45 -7.17 21.11 20.19
N LEU A 46 -8.24 21.15 20.96
CA LEU A 46 -9.18 20.06 21.00
C LEU A 46 -10.02 19.97 19.72
N LEU A 47 -10.04 18.79 19.09
CA LEU A 47 -10.90 18.67 17.92
C LEU A 47 -12.17 17.86 18.25
N ILE A 48 -12.01 16.84 19.06
CA ILE A 48 -13.05 15.88 19.36
C ILE A 48 -13.04 15.41 20.81
N TYR A 49 -14.23 15.27 21.36
CA TYR A 49 -14.34 14.79 22.74
C TYR A 49 -15.38 13.69 22.85
N ASP A 50 -15.35 12.93 23.94
CA ASP A 50 -16.31 11.83 24.07
C ASP A 50 -16.16 10.88 22.88
N ALA A 51 -14.90 10.70 22.47
CA ALA A 51 -14.54 9.85 21.39
C ALA A 51 -15.02 10.21 20.03
N SER A 52 -16.23 10.77 19.85
CA SER A 52 -16.68 10.99 18.48
C SER A 52 -17.47 12.26 18.28
N THR A 53 -17.52 13.16 19.24
CA THR A 53 -18.24 14.42 19.11
C THR A 53 -17.29 15.53 18.62
N LEU A 54 -17.60 16.13 17.49
CA LEU A 54 -16.80 17.23 16.94
C LEU A 54 -16.96 18.48 17.80
N GLU A 55 -15.84 19.16 18.09
CA GLU A 55 -16.06 20.45 18.82
C GLU A 55 -16.61 21.45 17.79
N THR A 56 -17.30 22.47 18.26
CA THR A 56 -17.87 23.49 17.40
C THR A 56 -16.84 24.17 16.51
N GLY A 57 -17.15 24.27 15.21
CA GLY A 57 -16.27 24.90 14.25
C GLY A 57 -15.22 23.99 13.66
N VAL A 58 -15.20 22.72 14.02
CA VAL A 58 -14.21 21.78 13.49
C VAL A 58 -14.77 21.21 12.16
N PRO A 59 -13.96 21.24 11.12
CA PRO A 59 -14.32 20.75 9.80
C PRO A 59 -14.86 19.31 9.85
N SER A 60 -15.80 19.02 8.96
CA SER A 60 -16.39 17.72 8.81
C SER A 60 -15.47 16.65 8.28
N ARG A 61 -14.22 16.99 7.92
CA ARG A 61 -13.33 15.95 7.41
C ARG A 61 -12.68 15.18 8.56
N PHE A 62 -12.91 15.66 9.79
CA PHE A 62 -12.35 14.97 10.95
C PHE A 62 -13.43 14.07 11.57
N SER A 63 -13.06 12.88 11.99
CA SER A 63 -14.10 12.04 12.60
C SER A 63 -13.48 11.13 13.64
N GLY A 64 -14.24 10.76 14.67
CA GLY A 64 -13.67 9.83 15.66
C GLY A 64 -14.63 8.67 15.85
N SER A 65 -14.12 7.48 16.11
CA SER A 65 -14.98 6.33 16.41
C SER A 65 -14.24 5.41 17.37
N GLY A 66 -14.87 4.36 17.89
CA GLY A 66 -14.10 3.49 18.82
C GLY A 66 -14.91 3.22 20.08
N SER A 67 -14.45 2.27 20.88
CA SER A 67 -15.16 1.89 22.11
C SER A 67 -14.29 1.00 23.00
N GLY A 68 -14.60 0.97 24.31
CA GLY A 68 -13.81 0.12 25.21
C GLY A 68 -12.36 0.55 25.25
N THR A 69 -11.47 -0.16 24.55
CA THR A 69 -10.08 0.33 24.57
C THR A 69 -9.57 0.70 23.19
N GLU A 70 -10.38 0.56 22.14
CA GLU A 70 -9.94 0.81 20.78
C GLU A 70 -10.56 2.03 20.14
N TYR A 71 -9.72 3.07 19.85
CA TYR A 71 -10.25 4.26 19.27
C TYR A 71 -9.61 4.67 17.97
N THR A 72 -10.43 5.33 17.14
CA THR A 72 -10.00 5.68 15.81
C THR A 72 -10.29 7.15 15.46
N PHE A 73 -9.30 7.77 14.86
CA PHE A 73 -9.33 9.13 14.37
C PHE A 73 -9.11 9.14 12.87
N THR A 74 -10.03 9.77 12.13
CA THR A 74 -9.90 9.81 10.68
C THR A 74 -9.98 11.23 10.11
N ILE A 75 -9.13 11.46 9.13
CA ILE A 75 -9.23 12.69 8.30
C ILE A 75 -9.55 12.16 6.88
N SER A 76 -10.73 12.50 6.39
CA SER A 76 -11.19 11.92 5.14
C SER A 76 -10.47 12.49 3.93
N SER A 77 -10.15 13.78 3.99
CA SER A 77 -9.44 14.43 2.88
C SER A 77 -8.35 15.33 3.47
N LEU A 78 -7.12 14.84 3.50
CA LEU A 78 -6.02 15.58 4.09
C LEU A 78 -5.80 16.93 3.43
N GLN A 79 -5.89 18.01 4.21
CA GLN A 79 -5.62 19.34 3.65
C GLN A 79 -4.23 19.77 4.20
N PRO A 80 -3.58 20.69 3.51
CA PRO A 80 -2.29 21.21 3.95
C PRO A 80 -2.31 21.85 5.32
N GLU A 81 -3.42 22.45 5.71
CA GLU A 81 -3.50 23.06 7.04
C GLU A 81 -3.62 22.01 8.14
N ASP A 82 -3.79 20.74 7.77
CA ASP A 82 -3.88 19.67 8.74
C ASP A 82 -2.54 19.17 9.22
N ILE A 83 -1.46 19.61 8.61
CA ILE A 83 -0.11 19.22 8.99
C ILE A 83 0.19 19.55 10.44
N ALA A 84 0.43 18.51 11.26
CA ALA A 84 0.66 18.81 12.69
C ALA A 84 0.85 17.47 13.42
N THR A 85 0.93 17.55 14.75
CA THR A 85 1.02 16.27 15.50
C THR A 85 -0.31 16.06 16.22
N TYR A 86 -0.90 14.87 16.09
CA TYR A 86 -2.16 14.59 16.74
C TYR A 86 -2.00 13.70 17.95
N TYR A 87 -2.84 13.96 18.96
CA TYR A 87 -2.72 13.21 20.21
C TYR A 87 -4.11 12.78 20.70
N CYS A 88 -4.17 11.54 21.20
CA CYS A 88 -5.45 11.17 21.89
C CYS A 88 -5.11 11.32 23.39
N GLN A 89 -6.09 11.59 24.21
CA GLN A 89 -5.88 11.75 25.64
C GLN A 89 -7.15 11.23 26.35
N GLN A 90 -6.96 10.48 27.43
CA GLN A 90 -8.14 9.96 28.14
C GLN A 90 -8.49 10.93 29.29
N TYR A 91 -9.75 11.18 29.50
CA TYR A 91 -10.23 11.96 30.62
C TYR A 91 -11.18 11.11 31.49
N ASP A 92 -10.88 9.80 31.55
CA ASP A 92 -11.71 8.92 32.35
C ASP A 92 -11.29 9.01 33.83
N ASP A 93 -10.00 9.15 34.06
CA ASP A 93 -9.45 9.20 35.41
C ASP A 93 -8.16 10.04 35.49
N LEU A 94 -7.83 10.52 36.69
CA LEU A 94 -6.59 11.26 36.88
C LEU A 94 -5.44 10.31 37.23
N PRO A 95 -4.25 10.52 36.72
CA PRO A 95 -3.94 11.68 35.88
C PRO A 95 -4.31 11.42 34.40
N TYR A 96 -4.86 12.44 33.76
CA TYR A 96 -5.23 12.33 32.34
C TYR A 96 -3.93 12.05 31.54
N THR A 97 -3.94 11.02 30.73
CA THR A 97 -2.74 10.65 29.99
C THR A 97 -2.98 10.73 28.48
N PHE A 98 -1.92 11.02 27.77
CA PHE A 98 -1.88 11.25 26.36
C PHE A 98 -1.20 10.07 25.60
N GLY A 99 -1.58 9.94 24.34
CA GLY A 99 -0.92 9.03 23.41
C GLY A 99 0.44 9.63 23.02
N GLN A 100 1.32 8.85 22.43
CA GLN A 100 2.65 9.33 22.07
C GLN A 100 2.54 10.35 20.93
N GLY A 101 1.39 10.37 20.27
CA GLY A 101 1.14 11.30 19.21
C GLY A 101 1.53 10.82 17.83
N THR A 102 0.90 11.43 16.82
CA THR A 102 1.11 11.09 15.43
C THR A 102 1.44 12.35 14.61
N LYS A 103 2.66 12.39 14.12
CA LYS A 103 3.18 13.48 13.29
C LYS A 103 2.59 13.32 11.87
N VAL A 104 1.70 14.21 11.46
CA VAL A 104 1.13 14.03 10.10
C VAL A 104 1.82 14.98 9.15
N GLU A 105 2.31 14.47 8.02
CA GLU A 105 2.99 15.38 7.09
C GLU A 105 2.47 15.17 5.67
N ILE A 106 2.81 16.10 4.78
CA ILE A 106 2.45 15.91 3.39
C ILE A 106 3.68 15.62 2.52
N LYS A 107 3.57 14.58 1.68
CA LYS A 107 4.70 14.30 0.77
C LYS A 107 4.49 15.19 -0.47
N ASP B 1 -11.17 2.25 -17.14
CA ASP B 1 -9.95 2.07 -16.33
C ASP B 1 -10.25 2.34 -14.86
N ILE B 2 -9.88 1.43 -13.97
CA ILE B 2 -10.16 1.57 -12.54
C ILE B 2 -9.02 2.15 -11.74
N GLN B 3 -9.22 3.28 -11.05
CA GLN B 3 -8.18 3.90 -10.26
C GLN B 3 -8.15 3.43 -8.80
N MET B 4 -6.98 3.00 -8.35
CA MET B 4 -6.85 2.54 -6.95
C MET B 4 -6.20 3.71 -6.18
N THR B 5 -6.71 4.00 -5.01
CA THR B 5 -6.07 5.13 -4.27
C THR B 5 -5.63 4.58 -2.90
N GLN B 6 -4.33 4.57 -2.65
CA GLN B 6 -3.74 4.03 -1.46
C GLN B 6 -3.18 5.10 -0.51
N SER B 7 -3.29 4.84 0.78
CA SER B 7 -2.78 5.78 1.78
C SER B 7 -2.44 5.08 3.09
N PRO B 8 -1.47 5.56 3.83
CA PRO B 8 -0.70 6.75 3.45
C PRO B 8 0.43 6.34 2.48
N SER B 9 1.28 7.25 2.10
CA SER B 9 2.41 6.91 1.20
C SER B 9 3.47 6.23 2.03
N SER B 10 3.61 6.76 3.28
CA SER B 10 4.62 6.04 4.08
C SER B 10 4.29 6.22 5.56
N LEU B 11 4.70 5.22 6.35
CA LEU B 11 4.53 5.27 7.77
C LEU B 11 5.74 4.77 8.55
N SER B 12 5.86 5.26 9.77
CA SER B 12 6.87 4.82 10.69
C SER B 12 6.25 4.46 12.03
N ALA B 13 6.66 3.30 12.54
CA ALA B 13 6.04 2.84 13.80
C ALA B 13 7.05 2.04 14.60
N SER B 14 6.64 1.51 15.75
CA SER B 14 7.57 0.72 16.56
C SER B 14 7.07 -0.73 16.62
N VAL B 15 7.99 -1.64 16.84
CA VAL B 15 7.71 -3.07 16.95
C VAL B 15 6.47 -3.28 17.84
N GLY B 16 5.57 -4.12 17.43
CA GLY B 16 4.35 -4.41 18.15
C GLY B 16 3.24 -3.43 17.83
N ASP B 17 3.58 -2.33 17.14
CA ASP B 17 2.51 -1.37 16.84
C ASP B 17 1.57 -1.91 15.78
N ARG B 18 0.31 -1.51 15.88
CA ARG B 18 -0.67 -1.91 14.89
C ARG B 18 -0.61 -0.91 13.68
N VAL B 19 -0.53 -1.46 12.50
CA VAL B 19 -0.45 -0.67 11.27
C VAL B 19 -1.72 -0.81 10.46
N THR B 20 -2.23 0.29 9.92
CA THR B 20 -3.47 0.28 9.16
C THR B 20 -3.28 0.97 7.80
N ILE B 21 -3.57 0.24 6.73
CA ILE B 21 -3.43 0.80 5.39
C ILE B 21 -4.74 0.63 4.64
N THR B 22 -5.10 1.62 3.79
CA THR B 22 -6.40 1.45 3.12
C THR B 22 -6.27 1.71 1.62
N CYS B 23 -7.19 1.09 0.86
CA CYS B 23 -7.24 1.30 -0.55
C CYS B 23 -8.67 1.63 -1.00
N GLN B 24 -8.80 2.62 -1.85
CA GLN B 24 -9.99 3.08 -2.45
C GLN B 24 -10.09 2.90 -3.96
N ALA B 25 -11.08 2.12 -4.38
CA ALA B 25 -11.33 1.82 -5.77
C ALA B 25 -12.34 2.82 -6.36
N SER B 26 -12.15 3.15 -7.62
CA SER B 26 -13.00 4.08 -8.33
C SER B 26 -14.29 3.46 -8.82
N GLN B 27 -14.48 2.17 -8.58
CA GLN B 27 -15.70 1.46 -8.93
C GLN B 27 -15.84 0.22 -8.04
N ASP B 28 -17.03 -0.36 -7.98
CA ASP B 28 -17.13 -1.59 -7.16
C ASP B 28 -16.24 -2.65 -7.85
N ILE B 29 -15.32 -3.25 -7.10
CA ILE B 29 -14.43 -4.24 -7.63
C ILE B 29 -14.78 -5.65 -7.15
N SER B 30 -15.89 -5.76 -6.42
CA SER B 30 -16.41 -7.02 -5.97
C SER B 30 -15.41 -7.85 -5.18
N ASP B 31 -14.58 -7.21 -4.37
CA ASP B 31 -13.64 -7.95 -3.53
C ASP B 31 -12.51 -8.55 -4.34
N TYR B 32 -12.43 -8.19 -5.61
CA TYR B 32 -11.34 -8.65 -6.47
C TYR B 32 -10.09 -7.78 -6.21
N LEU B 33 -9.60 -7.83 -5.00
CA LEU B 33 -8.49 -7.11 -4.50
C LEU B 33 -7.39 -7.95 -3.88
N ILE B 34 -6.13 -7.57 -4.17
CA ILE B 34 -5.01 -8.33 -3.60
C ILE B 34 -4.10 -7.40 -2.83
N TRP B 35 -3.44 -7.93 -1.80
CA TRP B 35 -2.43 -7.15 -1.09
C TRP B 35 -1.06 -7.84 -1.28
N TYR B 36 -0.08 -7.05 -1.65
CA TYR B 36 1.27 -7.56 -1.83
C TYR B 36 2.22 -6.86 -0.84
N GLN B 37 3.29 -7.55 -0.55
CA GLN B 37 4.39 -7.03 0.24
C GLN B 37 5.63 -7.00 -0.67
N GLN B 38 6.33 -5.87 -0.72
CA GLN B 38 7.52 -5.81 -1.52
C GLN B 38 8.73 -5.45 -0.70
N LYS B 39 9.57 -6.47 -0.43
CA LYS B 39 10.76 -6.07 0.37
C LYS B 39 11.74 -5.38 -0.57
N LEU B 40 12.64 -4.58 -0.03
CA LEU B 40 13.58 -3.86 -0.89
C LEU B 40 14.32 -4.80 -1.82
N GLY B 41 14.37 -4.42 -3.10
CA GLY B 41 15.01 -5.13 -4.13
C GLY B 41 14.35 -6.41 -4.56
N LYS B 42 13.10 -6.69 -4.16
CA LYS B 42 12.50 -7.96 -4.53
C LYS B 42 11.18 -7.85 -5.21
N ALA B 43 10.68 -8.97 -5.78
CA ALA B 43 9.38 -8.86 -6.44
C ALA B 43 8.26 -8.80 -5.40
N PRO B 44 7.08 -8.37 -5.79
CA PRO B 44 5.93 -8.32 -4.89
C PRO B 44 5.47 -9.77 -4.55
N ASN B 45 4.98 -9.94 -3.34
CA ASN B 45 4.56 -11.26 -2.87
C ASN B 45 3.09 -11.19 -2.46
N LEU B 46 2.24 -12.04 -2.97
CA LEU B 46 0.80 -11.97 -2.66
C LEU B 46 0.56 -12.40 -1.22
N LEU B 47 -0.03 -11.53 -0.39
CA LEU B 47 -0.28 -11.99 0.99
C LEU B 47 -1.76 -12.41 1.11
N ILE B 48 -2.63 -11.57 0.56
CA ILE B 48 -4.06 -11.75 0.61
C ILE B 48 -4.65 -11.52 -0.80
N TYR B 49 -5.70 -12.25 -1.08
CA TYR B 49 -6.49 -12.16 -2.27
C TYR B 49 -7.98 -12.27 -1.89
N ASP B 50 -8.84 -11.94 -2.84
CA ASP B 50 -10.25 -11.89 -2.57
C ASP B 50 -10.53 -11.03 -1.33
N ALA B 51 -9.76 -9.96 -1.23
CA ALA B 51 -9.77 -8.94 -0.26
C ALA B 51 -9.57 -9.32 1.18
N SER B 52 -10.06 -10.47 1.63
CA SER B 52 -10.01 -10.92 2.99
C SER B 52 -9.31 -12.26 3.18
N THR B 53 -8.95 -12.93 2.09
CA THR B 53 -8.38 -14.23 2.08
C THR B 53 -6.88 -14.35 2.17
N LEU B 54 -6.38 -15.00 3.21
CA LEU B 54 -4.98 -15.21 3.41
C LEU B 54 -4.38 -16.33 2.56
N GLU B 55 -3.22 -16.08 1.97
CA GLU B 55 -2.53 -17.16 1.22
C GLU B 55 -1.76 -18.01 2.24
N THR B 56 -1.67 -19.32 2.01
CA THR B 56 -1.02 -20.18 2.99
C THR B 56 0.44 -19.83 3.20
N GLY B 57 0.86 -19.83 4.47
CA GLY B 57 2.22 -19.48 4.83
C GLY B 57 2.31 -18.04 5.32
N VAL B 58 1.20 -17.32 5.25
CA VAL B 58 1.19 -15.91 5.65
C VAL B 58 0.69 -15.79 7.10
N PRO B 59 1.51 -15.21 7.97
CA PRO B 59 1.20 -15.01 9.38
C PRO B 59 -0.18 -14.43 9.63
N SER B 60 -0.86 -14.91 10.68
CA SER B 60 -2.21 -14.44 10.98
C SER B 60 -2.25 -13.00 11.45
N ARG B 61 -1.06 -12.42 11.68
CA ARG B 61 -0.98 -11.02 12.05
C ARG B 61 -1.36 -10.10 10.90
N PHE B 62 -1.43 -10.66 9.67
CA PHE B 62 -1.85 -9.85 8.55
C PHE B 62 -3.35 -10.03 8.35
N SER B 63 -4.02 -9.00 7.82
CA SER B 63 -5.48 -9.23 7.67
C SER B 63 -6.04 -8.17 6.76
N GLY B 64 -7.07 -8.52 5.99
CA GLY B 64 -7.64 -7.51 5.10
C GLY B 64 -9.15 -7.47 5.21
N SER B 65 -9.74 -6.35 4.84
CA SER B 65 -11.18 -6.21 4.84
C SER B 65 -11.64 -5.12 3.87
N GLY B 66 -12.95 -4.88 3.85
CA GLY B 66 -13.45 -3.81 2.98
C GLY B 66 -14.47 -4.39 2.02
N SER B 67 -14.92 -3.58 1.07
CA SER B 67 -15.89 -4.05 0.10
C SER B 67 -16.38 -2.92 -0.80
N GLY B 68 -16.94 -3.31 -1.95
CA GLY B 68 -17.41 -2.28 -2.87
C GLY B 68 -16.21 -1.44 -3.32
N THR B 69 -16.00 -0.32 -2.64
CA THR B 69 -14.92 0.58 -2.98
C THR B 69 -13.84 0.72 -1.93
N GLU B 70 -14.14 0.52 -0.66
CA GLU B 70 -13.16 0.73 0.39
C GLU B 70 -12.59 -0.52 0.98
N TYR B 71 -11.25 -0.63 1.00
CA TYR B 71 -10.56 -1.74 1.56
C TYR B 71 -9.45 -1.37 2.53
N THR B 72 -9.22 -2.27 3.49
CA THR B 72 -8.23 -2.00 4.53
C THR B 72 -7.32 -3.21 4.74
N PHE B 73 -6.04 -2.91 4.90
CA PHE B 73 -5.04 -3.95 5.19
C PHE B 73 -4.46 -3.66 6.57
N THR B 74 -4.38 -4.68 7.42
CA THR B 74 -3.92 -4.42 8.78
C THR B 74 -2.79 -5.38 9.19
N ILE B 75 -1.83 -4.84 9.91
CA ILE B 75 -0.75 -5.56 10.56
C ILE B 75 -0.94 -5.33 12.08
N SER B 76 -1.55 -6.32 12.74
CA SER B 76 -1.84 -6.24 14.14
C SER B 76 -0.68 -6.02 15.05
N SER B 77 0.50 -6.59 14.74
CA SER B 77 1.65 -6.30 15.60
C SER B 77 2.91 -6.18 14.75
N LEU B 78 3.30 -4.94 14.47
CA LEU B 78 4.42 -4.73 13.58
C LEU B 78 5.67 -5.49 13.97
N GLN B 79 6.11 -6.41 13.11
CA GLN B 79 7.33 -7.16 13.38
C GLN B 79 8.49 -6.61 12.52
N PRO B 80 9.71 -6.80 13.00
CA PRO B 80 10.89 -6.33 12.28
C PRO B 80 10.91 -6.89 10.86
N GLU B 81 10.38 -8.09 10.71
CA GLU B 81 10.31 -8.78 9.45
C GLU B 81 9.37 -8.06 8.47
N ASP B 82 8.43 -7.28 8.98
CA ASP B 82 7.40 -6.64 8.22
C ASP B 82 7.81 -5.37 7.49
N ILE B 83 9.04 -4.92 7.64
CA ILE B 83 9.54 -3.74 6.97
C ILE B 83 9.60 -3.95 5.46
N ALA B 84 8.70 -3.27 4.75
CA ALA B 84 8.68 -3.44 3.27
C ALA B 84 7.73 -2.37 2.68
N THR B 85 7.42 -2.51 1.40
CA THR B 85 6.39 -1.65 0.81
C THR B 85 5.16 -2.48 0.55
N TYR B 86 3.96 -1.97 0.84
CA TYR B 86 2.78 -2.83 0.59
C TYR B 86 1.93 -2.23 -0.50
N TYR B 87 1.28 -3.05 -1.32
CA TYR B 87 0.46 -2.46 -2.40
C TYR B 87 -0.88 -3.24 -2.43
N CYS B 88 -1.93 -2.56 -2.84
CA CYS B 88 -3.18 -3.30 -3.11
C CYS B 88 -3.28 -3.29 -4.67
N GLN B 89 -3.86 -4.31 -5.24
CA GLN B 89 -3.99 -4.36 -6.70
C GLN B 89 -5.38 -4.87 -7.05
N GLN B 90 -6.02 -4.21 -8.03
CA GLN B 90 -7.34 -4.73 -8.40
C GLN B 90 -7.20 -5.76 -9.51
N TYR B 91 -8.04 -6.79 -9.46
CA TYR B 91 -8.02 -7.75 -10.56
C TYR B 91 -9.43 -7.99 -11.05
N ASP B 92 -10.30 -6.96 -10.85
CA ASP B 92 -11.67 -7.18 -11.35
C ASP B 92 -11.67 -7.07 -12.87
N ASP B 93 -10.82 -6.20 -13.40
CA ASP B 93 -10.79 -6.01 -14.85
C ASP B 93 -9.43 -5.54 -15.36
N LEU B 94 -9.04 -6.04 -16.53
CA LEU B 94 -7.79 -5.57 -17.13
C LEU B 94 -7.98 -4.14 -17.61
N PRO B 95 -6.98 -3.28 -17.57
CA PRO B 95 -5.66 -3.63 -17.04
C PRO B 95 -5.70 -3.67 -15.49
N TYR B 96 -5.02 -4.63 -14.93
CA TYR B 96 -4.99 -4.74 -13.44
C TYR B 96 -4.14 -3.57 -12.92
N THR B 97 -4.68 -2.80 -12.02
CA THR B 97 -4.05 -1.58 -11.53
C THR B 97 -3.77 -1.62 -10.02
N PHE B 98 -2.64 -1.03 -9.67
CA PHE B 98 -2.11 -1.02 -8.35
C PHE B 98 -2.38 0.30 -7.61
N GLY B 99 -2.39 0.23 -6.29
CA GLY B 99 -2.41 1.42 -5.44
C GLY B 99 -0.97 1.95 -5.35
N GLN B 100 -0.79 3.17 -4.90
CA GLN B 100 0.51 3.79 -4.90
C GLN B 100 1.51 3.19 -3.97
N GLY B 101 1.11 2.23 -3.14
CA GLY B 101 2.15 1.68 -2.24
C GLY B 101 2.28 2.45 -0.95
N THR B 102 2.62 1.73 0.12
CA THR B 102 2.85 2.37 1.41
C THR B 102 4.18 1.77 1.97
N LYS B 103 5.12 2.63 2.26
CA LYS B 103 6.42 2.26 2.80
C LYS B 103 6.34 2.22 4.33
N VAL B 104 6.46 1.02 4.86
CA VAL B 104 6.35 0.76 6.27
C VAL B 104 7.70 0.69 6.95
N GLU B 105 7.92 1.58 7.92
CA GLU B 105 9.23 1.63 8.58
C GLU B 105 9.14 1.58 10.07
N ILE B 106 10.23 1.18 10.73
CA ILE B 106 10.18 1.11 12.19
C ILE B 106 11.02 2.22 12.79
N LYS B 107 10.43 3.00 13.71
CA LYS B 107 11.19 4.11 14.26
C LYS B 107 12.04 3.70 15.45
N ASP C 1 1.19 -24.23 -7.45
CA ASP C 1 1.70 -22.86 -7.44
C ASP C 1 2.69 -22.66 -8.60
N ILE C 2 2.32 -21.82 -9.56
CA ILE C 2 3.10 -21.55 -10.74
C ILE C 2 4.38 -20.76 -10.45
N GLN C 3 5.52 -21.37 -10.71
CA GLN C 3 6.79 -20.70 -10.52
C GLN C 3 7.13 -19.90 -11.80
N MET C 4 7.51 -18.67 -11.61
CA MET C 4 7.95 -17.76 -12.67
C MET C 4 9.46 -17.48 -12.42
N THR C 5 10.28 -17.76 -13.41
CA THR C 5 11.70 -17.50 -13.32
C THR C 5 12.09 -16.46 -14.38
N GLN C 6 12.72 -15.38 -13.95
CA GLN C 6 13.00 -14.33 -14.96
C GLN C 6 14.51 -14.20 -15.11
N SER C 7 14.97 -13.87 -16.30
CA SER C 7 16.44 -13.70 -16.47
C SER C 7 16.67 -12.67 -17.60
N PRO C 8 17.73 -11.89 -17.48
CA PRO C 8 18.65 -11.98 -16.36
C PRO C 8 18.13 -11.19 -15.16
N SER C 9 18.86 -11.22 -14.05
CA SER C 9 18.33 -10.45 -12.91
C SER C 9 18.69 -8.99 -13.07
N SER C 10 19.59 -8.69 -14.03
CA SER C 10 19.87 -7.29 -14.29
C SER C 10 20.82 -7.11 -15.47
N LEU C 11 20.69 -5.96 -16.13
CA LEU C 11 21.58 -5.64 -17.23
C LEU C 11 21.75 -4.12 -17.39
N SER C 12 22.81 -3.75 -18.10
CA SER C 12 23.06 -2.35 -18.44
C SER C 12 23.39 -2.27 -19.94
N ALA C 13 22.78 -1.34 -20.63
CA ALA C 13 22.96 -1.21 -22.07
C ALA C 13 23.04 0.24 -22.50
N SER C 14 23.20 0.50 -23.80
CA SER C 14 23.33 1.92 -24.17
C SER C 14 22.02 2.40 -24.80
N VAL C 15 21.86 3.72 -24.85
CA VAL C 15 20.69 4.28 -25.54
C VAL C 15 20.67 3.73 -26.98
N GLY C 16 19.49 3.35 -27.44
CA GLY C 16 19.31 2.83 -28.77
C GLY C 16 19.39 1.32 -28.87
N ASP C 17 20.03 0.67 -27.91
CA ASP C 17 20.20 -0.76 -27.90
C ASP C 17 18.90 -1.54 -27.91
N ARG C 18 18.99 -2.80 -28.37
CA ARG C 18 17.83 -3.69 -28.29
C ARG C 18 18.00 -4.57 -27.02
N VAL C 19 17.04 -4.50 -26.12
CA VAL C 19 17.10 -5.26 -24.90
C VAL C 19 16.11 -6.38 -24.85
N THR C 20 16.51 -7.54 -24.31
CA THR C 20 15.54 -8.62 -24.27
C THR C 20 15.49 -9.33 -22.92
N ILE C 21 14.28 -9.71 -22.49
CA ILE C 21 14.11 -10.34 -21.18
C ILE C 21 13.17 -11.54 -21.27
N THR C 22 13.50 -12.62 -20.59
CA THR C 22 12.76 -13.85 -20.61
C THR C 22 12.14 -14.18 -19.24
N CYS C 23 11.00 -14.83 -19.29
CA CYS C 23 10.29 -15.39 -18.17
C CYS C 23 9.76 -16.79 -18.57
N GLN C 24 10.05 -17.77 -17.74
CA GLN C 24 9.58 -19.12 -17.99
C GLN C 24 8.61 -19.55 -16.91
N ALA C 25 7.49 -20.16 -17.31
CA ALA C 25 6.53 -20.61 -16.28
C ALA C 25 6.79 -22.08 -15.97
N SER C 26 6.40 -22.54 -14.79
CA SER C 26 6.61 -23.96 -14.49
C SER C 26 5.45 -24.79 -15.03
N GLN C 27 4.51 -24.18 -15.72
CA GLN C 27 3.37 -24.90 -16.31
C GLN C 27 2.86 -24.11 -17.54
N ASP C 28 2.06 -24.73 -18.41
CA ASP C 28 1.53 -23.84 -19.49
C ASP C 28 0.55 -22.87 -18.88
N ILE C 29 0.78 -21.56 -19.02
CA ILE C 29 -0.20 -20.64 -18.39
C ILE C 29 -1.15 -20.07 -19.45
N SER C 30 -1.22 -20.75 -20.58
CA SER C 30 -2.08 -20.40 -21.68
C SER C 30 -2.04 -18.94 -22.06
N ASP C 31 -0.87 -18.32 -22.09
CA ASP C 31 -0.71 -16.95 -22.49
C ASP C 31 -1.22 -15.92 -21.52
N TYR C 32 -1.51 -16.28 -20.26
CA TYR C 32 -1.95 -15.24 -19.32
C TYR C 32 -0.72 -14.71 -18.54
N LEU C 33 -0.02 -13.81 -19.20
CA LEU C 33 1.15 -13.15 -18.70
C LEU C 33 1.08 -11.64 -18.89
N ILE C 34 1.62 -10.89 -17.94
CA ILE C 34 1.62 -9.41 -18.08
C ILE C 34 3.06 -8.94 -17.89
N TRP C 35 3.41 -7.84 -18.55
CA TRP C 35 4.75 -7.28 -18.22
C TRP C 35 4.49 -5.92 -17.52
N TYR C 36 5.17 -5.69 -16.43
CA TYR C 36 5.03 -4.46 -15.67
C TYR C 36 6.43 -3.75 -15.66
N GLN C 37 6.37 -2.45 -15.56
CA GLN C 37 7.58 -1.62 -15.41
C GLN C 37 7.46 -0.93 -14.04
N GLN C 38 8.50 -0.97 -13.24
CA GLN C 38 8.46 -0.32 -11.95
C GLN C 38 9.63 0.65 -11.80
N LYS C 39 9.30 1.93 -11.91
CA LYS C 39 10.30 2.98 -11.73
C LYS C 39 10.64 3.07 -10.22
N LEU C 40 11.87 3.42 -9.91
CA LEU C 40 12.32 3.52 -8.53
C LEU C 40 11.32 4.29 -7.66
N GLY C 41 10.86 3.66 -6.60
CA GLY C 41 9.95 4.20 -5.65
C GLY C 41 8.53 4.37 -6.13
N LYS C 42 8.15 3.71 -7.21
CA LYS C 42 6.78 3.84 -7.72
C LYS C 42 6.11 2.50 -7.86
N ALA C 43 4.78 2.50 -8.05
CA ALA C 43 4.11 1.20 -8.19
C ALA C 43 4.26 0.69 -9.63
N PRO C 44 4.24 -0.61 -9.79
CA PRO C 44 4.36 -1.22 -11.11
C PRO C 44 3.26 -0.71 -12.06
N ASN C 45 3.59 -0.53 -13.32
CA ASN C 45 2.62 -0.06 -14.33
C ASN C 45 2.51 -1.15 -15.43
N LEU C 46 1.30 -1.53 -15.77
CA LEU C 46 1.09 -2.59 -16.74
C LEU C 46 1.52 -2.09 -18.14
N LEU C 47 2.26 -2.91 -18.85
CA LEU C 47 2.72 -2.54 -20.21
C LEU C 47 2.03 -3.48 -21.22
N ILE C 48 2.17 -4.78 -20.95
CA ILE C 48 1.60 -5.75 -21.88
C ILE C 48 0.76 -6.79 -21.13
N TYR C 49 -0.34 -7.15 -21.77
CA TYR C 49 -1.22 -8.17 -21.25
C TYR C 49 -1.44 -9.24 -22.34
N ASP C 50 -1.94 -10.39 -21.96
CA ASP C 50 -2.17 -11.49 -22.87
C ASP C 50 -0.93 -11.87 -23.64
N ALA C 51 0.22 -11.75 -22.94
CA ALA C 51 1.49 -12.08 -23.53
C ALA C 51 1.98 -11.09 -24.55
N SER C 52 1.11 -10.63 -25.46
CA SER C 52 1.61 -9.76 -26.51
C SER C 52 0.73 -8.59 -26.83
N THR C 53 -0.25 -8.24 -25.99
CA THR C 53 -1.04 -7.06 -26.33
C THR C 53 -0.56 -5.84 -25.51
N LEU C 54 -0.19 -4.79 -26.19
CA LEU C 54 0.29 -3.58 -25.49
C LEU C 54 -0.93 -2.89 -24.85
N GLU C 55 -0.75 -2.29 -23.69
CA GLU C 55 -1.87 -1.50 -23.11
C GLU C 55 -1.91 -0.18 -23.91
N THR C 56 -3.10 0.34 -24.10
CA THR C 56 -3.27 1.60 -24.84
C THR C 56 -2.34 2.67 -24.27
N GLY C 57 -1.53 3.28 -25.12
CA GLY C 57 -0.65 4.36 -24.62
C GLY C 57 0.78 3.94 -24.43
N VAL C 58 1.06 2.62 -24.52
CA VAL C 58 2.47 2.23 -24.35
C VAL C 58 3.20 2.42 -25.67
N PRO C 59 4.42 2.94 -25.64
CA PRO C 59 5.20 3.13 -26.87
C PRO C 59 5.39 1.76 -27.57
N SER C 60 5.34 1.78 -28.89
CA SER C 60 5.50 0.60 -29.72
C SER C 60 6.91 0.07 -29.72
N ARG C 61 7.81 0.74 -29.01
CA ARG C 61 9.17 0.21 -28.88
C ARG C 61 9.15 -0.99 -27.94
N PHE C 62 8.03 -1.17 -27.25
CA PHE C 62 7.81 -2.27 -26.34
C PHE C 62 7.06 -3.41 -27.00
N SER C 63 7.52 -4.64 -26.74
CA SER C 63 6.81 -5.75 -27.35
C SER C 63 7.07 -7.04 -26.57
N GLY C 64 6.09 -7.92 -26.63
CA GLY C 64 6.13 -9.21 -26.01
C GLY C 64 5.65 -10.30 -26.96
N SER C 65 6.18 -11.49 -26.78
CA SER C 65 5.79 -12.63 -27.57
C SER C 65 6.10 -13.91 -26.73
N GLY C 66 5.71 -15.03 -27.29
CA GLY C 66 5.91 -16.32 -26.72
C GLY C 66 4.59 -17.03 -26.45
N SER C 67 4.66 -18.24 -25.93
CA SER C 67 3.42 -18.98 -25.61
C SER C 67 3.85 -20.27 -24.88
N GLY C 68 2.91 -20.91 -24.19
CA GLY C 68 3.30 -22.16 -23.49
C GLY C 68 3.97 -21.84 -22.17
N THR C 69 5.27 -22.10 -22.05
CA THR C 69 5.94 -21.79 -20.79
C THR C 69 7.06 -20.77 -20.94
N GLU C 70 7.38 -20.33 -22.14
CA GLU C 70 8.48 -19.38 -22.34
C GLU C 70 8.00 -18.08 -22.94
N TYR C 71 8.20 -16.95 -22.23
CA TYR C 71 7.78 -15.67 -22.76
C TYR C 71 8.88 -14.67 -22.95
N THR C 72 8.67 -13.70 -23.84
CA THR C 72 9.73 -12.76 -24.15
C THR C 72 9.24 -11.30 -24.18
N PHE C 73 10.01 -10.46 -23.49
CA PHE C 73 9.79 -9.03 -23.45
C PHE C 73 10.94 -8.33 -24.19
N THR C 74 10.62 -7.46 -25.14
CA THR C 74 11.79 -6.84 -25.83
C THR C 74 11.63 -5.32 -25.85
N ILE C 75 12.74 -4.63 -25.71
CA ILE C 75 12.76 -3.18 -25.92
C ILE C 75 13.69 -2.90 -27.13
N SER C 76 13.08 -2.62 -28.24
CA SER C 76 13.70 -2.41 -29.51
C SER C 76 14.70 -1.30 -29.57
N SER C 77 14.51 -0.26 -28.75
CA SER C 77 15.54 0.82 -28.75
C SER C 77 15.43 1.56 -27.42
N LEU C 78 16.36 1.32 -26.52
CA LEU C 78 16.43 1.81 -25.18
C LEU C 78 16.46 3.33 -25.05
N GLN C 79 15.55 3.86 -24.24
CA GLN C 79 15.50 5.29 -23.96
C GLN C 79 15.92 5.50 -22.49
N PRO C 80 16.48 6.63 -22.15
CA PRO C 80 16.84 6.85 -20.74
C PRO C 80 15.64 6.68 -19.82
N GLU C 81 14.43 6.99 -20.32
CA GLU C 81 13.26 6.86 -19.49
C GLU C 81 12.86 5.41 -19.23
N ASP C 82 13.50 4.44 -19.86
CA ASP C 82 13.10 3.03 -19.62
C ASP C 82 13.92 2.44 -18.49
N ILE C 83 14.78 3.26 -17.90
CA ILE C 83 15.57 2.75 -16.75
C ILE C 83 14.60 2.41 -15.61
N ALA C 84 14.45 1.12 -15.34
CA ALA C 84 13.51 0.74 -14.25
C ALA C 84 13.72 -0.77 -13.98
N THR C 85 12.84 -1.34 -13.20
CA THR C 85 12.87 -2.80 -13.00
C THR C 85 11.64 -3.37 -13.71
N TYR C 86 11.80 -4.45 -14.45
CA TYR C 86 10.71 -5.05 -15.21
C TYR C 86 10.30 -6.36 -14.57
N TYR C 87 9.00 -6.64 -14.61
CA TYR C 87 8.50 -7.86 -14.05
C TYR C 87 7.49 -8.54 -14.97
N CYS C 88 7.51 -9.88 -14.95
CA CYS C 88 6.42 -10.58 -15.65
C CYS C 88 5.54 -11.20 -14.54
N GLN C 89 4.24 -11.31 -14.78
CA GLN C 89 3.40 -11.95 -13.76
C GLN C 89 2.42 -12.90 -14.43
N GLN C 90 2.22 -14.09 -13.83
CA GLN C 90 1.22 -14.96 -14.46
C GLN C 90 -0.14 -14.65 -13.82
N TYR C 91 -1.17 -14.55 -14.64
CA TYR C 91 -2.51 -14.40 -14.15
C TYR C 91 -3.38 -15.56 -14.62
N ASP C 92 -2.74 -16.69 -14.91
CA ASP C 92 -3.49 -17.87 -15.32
C ASP C 92 -4.23 -18.48 -14.13
N ASP C 93 -3.73 -18.28 -12.91
CA ASP C 93 -4.35 -18.82 -11.70
C ASP C 93 -3.81 -18.15 -10.44
N LEU C 94 -4.61 -18.23 -9.37
CA LEU C 94 -4.20 -17.74 -8.07
C LEU C 94 -3.43 -18.81 -7.31
N PRO C 95 -2.38 -18.44 -6.58
CA PRO C 95 -1.94 -17.07 -6.49
C PRO C 95 -1.16 -16.59 -7.73
N TYR C 96 -1.47 -15.38 -8.14
CA TYR C 96 -0.72 -14.74 -9.24
C TYR C 96 0.74 -14.55 -8.76
N THR C 97 1.69 -15.06 -9.53
CA THR C 97 3.08 -14.99 -9.12
C THR C 97 3.88 -14.13 -10.09
N PHE C 98 4.95 -13.54 -9.57
CA PHE C 98 5.79 -12.65 -10.33
C PHE C 98 7.16 -13.32 -10.61
N GLY C 99 7.80 -12.86 -11.68
CA GLY C 99 9.19 -13.25 -11.94
C GLY C 99 10.07 -12.48 -10.95
N GLN C 100 11.35 -12.79 -10.82
CA GLN C 100 12.18 -12.10 -9.80
C GLN C 100 12.43 -10.67 -10.20
N GLY C 101 12.11 -10.32 -11.46
CA GLY C 101 12.29 -8.94 -11.87
C GLY C 101 13.65 -8.73 -12.52
N THR C 102 13.73 -7.79 -13.47
CA THR C 102 15.00 -7.51 -14.13
C THR C 102 15.34 -6.03 -14.06
N LYS C 103 16.45 -5.67 -13.42
CA LYS C 103 16.71 -4.21 -13.40
C LYS C 103 17.42 -3.78 -14.67
N VAL C 104 16.87 -2.77 -15.34
CA VAL C 104 17.51 -2.29 -16.58
C VAL C 104 18.18 -0.94 -16.35
N GLU C 105 19.47 -0.84 -16.68
CA GLU C 105 20.21 0.38 -16.48
C GLU C 105 20.86 0.85 -17.79
N ILE C 106 21.30 2.10 -17.80
CA ILE C 106 21.94 2.72 -18.93
C ILE C 106 23.43 3.03 -18.71
N LYS C 107 24.25 2.59 -19.65
CA LYS C 107 25.69 2.85 -19.58
C LYS C 107 26.47 1.59 -19.96
#